data_6VU1
#
_entry.id   6VU1
#
_entity_poly.entity_id   1
_entity_poly.type   'polyribonucleotide'
_entity_poly.pdbx_seq_one_letter_code
;(M7G)GGGUCUCUCUUGUCGAGAGGCAAGGAACCCACU
;
_entity_poly.pdbx_strand_id   A
#